data_2JSQ
#
_entry.id   2JSQ
#
_cell.length_a   1.000
_cell.length_b   1.000
_cell.length_c   1.000
_cell.angle_alpha   90.00
_cell.angle_beta   90.00
_cell.angle_gamma   90.00
#
_symmetry.space_group_name_H-M   'P 1'
#
_entity_poly.entity_id   1
_entity_poly.type   'polydeoxyribonucleotide'
_entity_poly.pdbx_seq_one_letter_code
;(DT)(DA)(DG)(DG)(DG)(DT)(DT)(DA)(DG)(DG)(DG)(DT)(DT)(DA)(BGM)(DG)(DG)(DT)(DT)
(DA)(DG)(DG)(DG)(DT)(DT)
;
_entity_poly.pdbx_strand_id   A
#